data_1YI1
#
_entry.id   1YI1
#
_cell.length_a   179.060
_cell.length_b   179.060
_cell.length_c   186.145
_cell.angle_alpha   90.00
_cell.angle_beta   90.00
_cell.angle_gamma   120.00
#
_symmetry.space_group_name_H-M   'P 64 2 2'
#
loop_
_entity.id
_entity.type
_entity.pdbx_description
1 polymer 'Acetolactate synthase'
2 non-polymer 'MAGNESIUM ION'
3 non-polymer 'METHYL 2-[4-METHOXY-6-METHYL-1,3,5-TRAZIN-2-YL(METHYL)CARBAMOYLSULFAMOYL]BENZOATE'
4 non-polymer '2-[N-CYCLOHEXYLAMINO]ETHANE SULFONIC ACID'
5 non-polymer 'ETHYL DIHYDROGEN DIPHOSPHATE'
6 non-polymer 'FLAVIN-ADENINE DINUCLEOTIDE'
7 water water
#
_entity_poly.entity_id   1
_entity_poly.type   'polypeptide(L)'
_entity_poly.pdbx_seq_one_letter_code
;TFISRFAPDQPRKGADILVEALERQGVETVFAYPGGASMEIHQALTRSSSIRNVLPRHEQGGVFAAEGYARSSGKPGICI
ATSGPGATNLVSGLADALLDSVPLVAITGQVPRRMIGTDAFQETPIVEVTRSITKHNYLVMDVEDIPRIIEEAFFLATSG
RPGPVLVDVPKDIQQQLAIPNWEQAMRLPGYMSRMPKPPEDSHLEQIVRLISESKKPVLYVGGGCLNSSDELGRFVELTG
IPVASTLMGLGSYP(CSD)DDELSLHMLGMHGTVYANYAVEHSDLLLAFGVRFDDRVTGKLEAFASRAKIVHIDIDSAEI
GKNKTPHVSVCGDVKLALQGMNKVLENRAEELKLDFGVWRNELNVQKQKFPLSFKTFGEAIPPQYAIKVLDELTDGKAII
STGVGQHQMWAAQFYNYKKPRQWLSSGGLGAMGFGLPAAIGASVANPDAIVVDIDGDGSFIMNVQELATIRVENLPVKVL
LLNNQHLGMVMQWEDRFYKANRAHTFLGDPAQEDEIFPNMLLFAAACGIPAARVTKKADLREAIQTMLDTPGPYLLDVIC
PHQEHVLPMIPSGGTFNDVITEGDGRLEHHHHHH
;
_entity_poly.pdbx_strand_id   A
#
# COMPACT_ATOMS: atom_id res chain seq x y z
N THR A 1 -21.65 -24.51 12.51
CA THR A 1 -20.27 -24.40 11.96
C THR A 1 -19.32 -23.85 13.02
N PHE A 2 -19.43 -22.57 13.31
CA PHE A 2 -18.57 -21.91 14.30
C PHE A 2 -18.82 -22.46 15.71
N ILE A 3 -17.82 -23.15 16.27
CA ILE A 3 -17.97 -23.67 17.62
C ILE A 3 -17.61 -22.51 18.55
N SER A 4 -18.57 -22.03 19.34
CA SER A 4 -18.30 -20.93 20.25
C SER A 4 -17.42 -21.34 21.42
N ARG A 5 -17.41 -20.54 22.47
CA ARG A 5 -16.60 -20.80 23.65
C ARG A 5 -17.43 -20.55 24.90
N PHE A 6 -18.64 -20.05 24.69
CA PHE A 6 -19.57 -19.76 25.78
C PHE A 6 -20.93 -20.39 25.51
N ALA A 7 -21.61 -20.83 26.56
CA ALA A 7 -22.92 -21.45 26.42
C ALA A 7 -23.88 -20.47 25.72
N PRO A 8 -24.73 -20.98 24.83
CA PRO A 8 -25.69 -20.12 24.11
C PRO A 8 -26.58 -19.29 25.01
N ASP A 9 -26.57 -19.62 26.30
CA ASP A 9 -27.41 -18.92 27.27
C ASP A 9 -26.55 -18.39 28.39
N GLN A 10 -25.24 -18.33 28.16
CA GLN A 10 -24.32 -17.85 29.17
C GLN A 10 -23.84 -16.42 28.93
N PRO A 11 -24.10 -15.54 29.89
CA PRO A 11 -23.70 -14.14 29.80
C PRO A 11 -22.18 -14.00 29.86
N ARG A 12 -21.64 -13.06 29.09
CA ARG A 12 -20.20 -12.80 29.09
C ARG A 12 -19.99 -11.31 28.95
N LYS A 13 -18.76 -10.88 29.21
CA LYS A 13 -18.41 -9.49 29.11
C LYS A 13 -18.47 -9.04 27.65
N GLY A 14 -18.66 -7.74 27.46
CA GLY A 14 -18.73 -7.19 26.12
C GLY A 14 -17.41 -7.48 25.45
N ALA A 15 -16.34 -7.41 26.24
CA ALA A 15 -14.99 -7.68 25.74
C ALA A 15 -14.96 -9.05 25.10
N ASP A 16 -15.54 -10.03 25.79
CA ASP A 16 -15.57 -11.39 25.27
C ASP A 16 -16.44 -11.49 24.03
N ILE A 17 -17.51 -10.71 23.98
CA ILE A 17 -18.39 -10.71 22.82
C ILE A 17 -17.65 -10.13 21.60
N LEU A 18 -16.93 -9.03 21.81
CA LEU A 18 -16.18 -8.40 20.73
C LEU A 18 -15.13 -9.35 20.13
N VAL A 19 -14.38 -10.05 20.99
CA VAL A 19 -13.38 -10.97 20.48
C VAL A 19 -14.07 -12.09 19.69
N GLU A 20 -15.14 -12.68 20.24
CA GLU A 20 -15.83 -13.72 19.50
C GLU A 20 -16.34 -13.19 18.17
N ALA A 21 -16.68 -11.90 18.13
CA ALA A 21 -17.17 -11.31 16.89
C ALA A 21 -16.02 -11.29 15.90
N LEU A 22 -14.80 -11.12 16.40
CA LEU A 22 -13.62 -11.11 15.54
C LEU A 22 -13.33 -12.52 15.03
N GLU A 23 -13.45 -13.51 15.91
CA GLU A 23 -13.22 -14.91 15.54
C GLU A 23 -14.24 -15.28 14.47
N ARG A 24 -15.49 -14.89 14.71
CA ARG A 24 -16.57 -15.17 13.78
C ARG A 24 -16.37 -14.48 12.46
N GLN A 25 -15.51 -13.47 12.42
CA GLN A 25 -15.23 -12.75 11.18
C GLN A 25 -14.07 -13.40 10.44
N GLY A 26 -13.42 -14.36 11.09
CA GLY A 26 -12.30 -15.05 10.47
C GLY A 26 -10.96 -14.50 10.87
N VAL A 27 -10.95 -13.46 11.69
CA VAL A 27 -9.71 -12.85 12.14
C VAL A 27 -8.87 -13.85 12.92
N GLU A 28 -7.58 -13.91 12.59
CA GLU A 28 -6.67 -14.80 13.27
C GLU A 28 -5.39 -14.09 13.69
N THR A 29 -5.31 -12.81 13.37
CA THR A 29 -4.16 -12.00 13.74
C THR A 29 -4.57 -10.57 13.99
N VAL A 30 -4.11 -10.01 15.10
CA VAL A 30 -4.39 -8.61 15.43
C VAL A 30 -3.11 -8.02 15.99
N PHE A 31 -2.99 -6.71 15.87
CA PHE A 31 -1.83 -6.00 16.40
C PHE A 31 -2.38 -5.04 17.43
N ALA A 32 -2.21 -5.38 18.71
CA ALA A 32 -2.74 -4.55 19.77
C ALA A 32 -1.72 -4.20 20.84
N TYR A 33 -1.81 -2.95 21.32
CA TYR A 33 -0.93 -2.45 22.38
C TYR A 33 -1.82 -2.08 23.56
N PRO A 34 -1.69 -2.81 24.67
CA PRO A 34 -2.43 -2.65 25.92
C PRO A 34 -2.38 -1.29 26.60
N GLY A 35 -3.54 -0.90 27.12
CA GLY A 35 -3.69 0.36 27.84
C GLY A 35 -4.84 0.21 28.81
N GLY A 36 -4.87 1.05 29.84
CA GLY A 36 -5.95 0.96 30.82
C GLY A 36 -7.36 0.82 30.29
N ALA A 37 -7.74 1.65 29.32
CA ALA A 37 -9.10 1.61 28.79
C ALA A 37 -9.42 0.36 27.97
N SER A 38 -8.41 -0.37 27.55
CA SER A 38 -8.62 -1.56 26.75
C SER A 38 -8.19 -2.88 27.40
N MET A 39 -7.87 -2.83 28.69
CA MET A 39 -7.44 -4.04 29.38
C MET A 39 -8.37 -5.23 29.15
N GLU A 40 -9.66 -5.03 29.43
CA GLU A 40 -10.66 -6.09 29.26
C GLU A 40 -10.53 -6.80 27.91
N ILE A 41 -10.46 -6.04 26.84
CA ILE A 41 -10.33 -6.62 25.50
C ILE A 41 -9.09 -7.51 25.43
N HIS A 42 -7.98 -7.02 25.97
CA HIS A 42 -6.72 -7.78 25.97
C HIS A 42 -6.86 -9.07 26.78
N GLN A 43 -7.60 -8.99 27.87
CA GLN A 43 -7.84 -10.16 28.72
C GLN A 43 -8.66 -11.15 27.91
N ALA A 44 -9.74 -10.65 27.31
CA ALA A 44 -10.63 -11.46 26.50
C ALA A 44 -9.80 -12.05 25.37
N LEU A 45 -8.81 -11.29 24.94
CA LEU A 45 -7.95 -11.71 23.86
C LEU A 45 -7.12 -12.94 24.24
N THR A 46 -6.65 -13.01 25.49
CA THR A 46 -5.86 -14.16 25.90
C THR A 46 -6.70 -15.45 25.95
N ARG A 47 -8.00 -15.31 26.16
CA ARG A 47 -8.91 -16.46 26.22
C ARG A 47 -9.19 -17.04 24.84
N SER A 48 -8.78 -16.33 23.79
CA SER A 48 -9.00 -16.83 22.44
C SER A 48 -7.84 -17.73 22.05
N SER A 49 -8.14 -18.85 21.40
CA SER A 49 -7.09 -19.77 20.99
C SER A 49 -6.84 -19.69 19.50
N SER A 50 -7.65 -18.90 18.80
CA SER A 50 -7.49 -18.77 17.36
C SER A 50 -6.82 -17.46 16.95
N ILE A 51 -6.98 -16.42 17.75
CA ILE A 51 -6.40 -15.13 17.40
C ILE A 51 -5.09 -14.89 18.10
N ARG A 52 -4.06 -14.56 17.34
CA ARG A 52 -2.76 -14.29 17.94
C ARG A 52 -2.50 -12.79 17.87
N ASN A 53 -1.83 -12.27 18.89
CA ASN A 53 -1.54 -10.86 18.93
C ASN A 53 -0.06 -10.58 18.79
N VAL A 54 0.26 -9.65 17.90
CA VAL A 54 1.62 -9.23 17.70
C VAL A 54 1.72 -7.87 18.38
N LEU A 55 2.31 -7.84 19.56
CA LEU A 55 2.46 -6.60 20.33
C LEU A 55 3.57 -5.69 19.78
N PRO A 56 3.20 -4.53 19.24
CA PRO A 56 4.19 -3.60 18.69
C PRO A 56 4.78 -2.75 19.81
N ARG A 57 5.76 -1.91 19.48
CA ARG A 57 6.35 -1.04 20.48
C ARG A 57 5.78 0.36 20.44
N HIS A 58 4.91 0.60 19.45
CA HIS A 58 4.25 1.87 19.29
C HIS A 58 2.98 1.60 18.49
N GLU A 59 1.90 2.30 18.87
CA GLU A 59 0.60 2.14 18.21
C GLU A 59 0.68 2.47 16.72
N GLN A 60 1.59 3.38 16.33
CA GLN A 60 1.73 3.70 14.90
C GLN A 60 2.30 2.47 14.20
N GLY A 61 3.09 1.70 14.94
CA GLY A 61 3.68 0.49 14.41
C GLY A 61 2.58 -0.55 14.32
N GLY A 62 1.59 -0.43 15.20
CA GLY A 62 0.47 -1.34 15.17
C GLY A 62 -0.34 -1.22 13.89
N VAL A 63 -0.78 -0.01 13.55
CA VAL A 63 -1.57 0.23 12.34
C VAL A 63 -0.82 -0.11 11.07
N PHE A 64 0.41 0.40 10.95
CA PHE A 64 1.23 0.14 9.77
C PHE A 64 1.43 -1.38 9.60
N ALA A 65 1.52 -2.10 10.72
CA ALA A 65 1.65 -3.56 10.66
C ALA A 65 0.34 -4.13 10.09
N ALA A 66 -0.77 -3.54 10.52
CA ALA A 66 -2.10 -3.95 10.08
C ALA A 66 -2.26 -3.67 8.59
N GLU A 67 -1.69 -2.57 8.12
CA GLU A 67 -1.76 -2.25 6.70
C GLU A 67 -0.98 -3.28 5.88
N GLY A 68 0.25 -3.56 6.34
CA GLY A 68 1.12 -4.52 5.68
C GLY A 68 0.44 -5.87 5.58
N TYR A 69 -0.22 -6.25 6.66
CA TYR A 69 -0.96 -7.51 6.73
C TYR A 69 -2.01 -7.50 5.61
N ALA A 70 -2.86 -6.48 5.65
CA ALA A 70 -3.92 -6.29 4.66
C ALA A 70 -3.40 -6.26 3.23
N ARG A 71 -2.45 -5.37 2.99
CA ARG A 71 -1.86 -5.22 1.66
C ARG A 71 -1.22 -6.49 1.10
N SER A 72 -0.53 -7.24 1.96
CA SER A 72 0.15 -8.45 1.51
C SER A 72 -0.76 -9.69 1.40
N SER A 73 -1.99 -9.57 1.88
CA SER A 73 -2.91 -10.71 1.85
C SER A 73 -4.23 -10.50 1.12
N GLY A 74 -4.89 -9.39 1.37
CA GLY A 74 -6.17 -9.14 0.75
C GLY A 74 -7.21 -9.17 1.86
N LYS A 75 -6.82 -9.70 3.01
CA LYS A 75 -7.68 -9.78 4.19
C LYS A 75 -7.68 -8.42 4.87
N PRO A 76 -8.66 -8.14 5.74
CA PRO A 76 -8.60 -6.82 6.36
C PRO A 76 -7.56 -6.84 7.48
N GLY A 77 -7.04 -5.68 7.84
CA GLY A 77 -6.05 -5.62 8.90
C GLY A 77 -6.72 -5.19 10.19
N ILE A 78 -6.34 -5.77 11.31
CA ILE A 78 -6.96 -5.41 12.58
C ILE A 78 -5.96 -4.91 13.62
N CYS A 79 -6.12 -3.66 14.03
CA CYS A 79 -5.25 -3.10 15.06
C CYS A 79 -6.15 -2.63 16.22
N ILE A 80 -5.63 -2.74 17.44
CA ILE A 80 -6.38 -2.34 18.62
C ILE A 80 -5.55 -1.46 19.54
N ALA A 81 -6.16 -0.37 20.03
CA ALA A 81 -5.46 0.55 20.90
C ALA A 81 -6.35 0.97 22.07
N THR A 82 -5.73 1.62 23.05
CA THR A 82 -6.45 2.09 24.22
C THR A 82 -6.99 3.50 23.97
N SER A 83 -7.61 4.08 24.97
CA SER A 83 -8.17 5.41 24.86
C SER A 83 -7.07 6.46 24.77
N GLY A 84 -7.50 7.73 24.70
CA GLY A 84 -6.59 8.85 24.64
C GLY A 84 -5.41 8.75 23.70
N PRO A 85 -4.18 8.70 24.25
CA PRO A 85 -2.93 8.61 23.47
C PRO A 85 -2.83 7.37 22.60
N GLY A 86 -3.40 6.25 23.06
CA GLY A 86 -3.36 5.05 22.26
C GLY A 86 -4.04 5.35 20.94
N ALA A 87 -5.28 5.84 21.05
CA ALA A 87 -6.08 6.20 19.89
C ALA A 87 -5.41 7.22 18.99
N THR A 88 -5.04 8.38 19.54
CA THR A 88 -4.41 9.41 18.70
C THR A 88 -3.22 8.89 17.90
N ASN A 89 -2.47 7.95 18.47
CA ASN A 89 -1.31 7.41 17.77
C ASN A 89 -1.66 6.52 16.56
N LEU A 90 -2.93 6.46 16.20
CA LEU A 90 -3.36 5.65 15.05
C LEU A 90 -3.69 6.53 13.84
N VAL A 91 -4.00 7.80 14.11
CA VAL A 91 -4.38 8.75 13.08
C VAL A 91 -3.66 8.62 11.73
N SER A 92 -2.34 8.64 11.72
CA SER A 92 -1.59 8.54 10.47
C SER A 92 -1.89 7.26 9.68
N GLY A 93 -2.10 6.16 10.38
CA GLY A 93 -2.39 4.90 9.74
C GLY A 93 -3.76 4.93 9.11
N LEU A 94 -4.73 5.41 9.87
CA LEU A 94 -6.09 5.51 9.36
C LEU A 94 -6.05 6.36 8.10
N ALA A 95 -5.57 7.60 8.19
CA ALA A 95 -5.49 8.47 7.02
C ALA A 95 -4.78 7.80 5.85
N ASP A 96 -3.75 7.00 6.15
CA ASP A 96 -2.98 6.29 5.13
C ASP A 96 -3.83 5.21 4.46
N ALA A 97 -4.55 4.43 5.27
CA ALA A 97 -5.40 3.36 4.75
C ALA A 97 -6.56 3.93 3.94
N LEU A 98 -7.08 5.08 4.35
CA LEU A 98 -8.17 5.68 3.61
C LEU A 98 -7.69 6.12 2.24
N LEU A 99 -6.59 6.85 2.23
CA LEU A 99 -6.02 7.35 0.98
C LEU A 99 -5.63 6.27 -0.03
N ASP A 100 -5.13 5.14 0.46
CA ASP A 100 -4.73 4.05 -0.43
C ASP A 100 -5.81 2.99 -0.59
N SER A 101 -6.94 3.19 0.08
CA SER A 101 -8.05 2.26 0.00
C SER A 101 -7.69 0.87 0.48
N VAL A 102 -7.18 0.80 1.71
CA VAL A 102 -6.78 -0.44 2.33
C VAL A 102 -7.81 -0.91 3.35
N PRO A 103 -8.28 -2.17 3.22
CA PRO A 103 -9.26 -2.71 4.18
C PRO A 103 -8.65 -2.74 5.57
N LEU A 104 -9.26 -2.03 6.51
CA LEU A 104 -8.74 -1.98 7.86
C LEU A 104 -9.85 -1.83 8.91
N VAL A 105 -9.62 -2.40 10.09
CA VAL A 105 -10.58 -2.28 11.18
C VAL A 105 -9.79 -1.99 12.45
N ALA A 106 -10.06 -0.83 13.02
CA ALA A 106 -9.39 -0.39 14.24
C ALA A 106 -10.36 -0.31 15.40
N ILE A 107 -9.93 -0.87 16.52
CA ILE A 107 -10.75 -0.89 17.72
C ILE A 107 -10.00 -0.12 18.80
N THR A 108 -10.65 0.88 19.39
CA THR A 108 -10.02 1.66 20.45
C THR A 108 -10.88 1.63 21.70
N GLY A 109 -10.23 1.46 22.83
CA GLY A 109 -10.98 1.47 24.07
C GLY A 109 -11.30 2.93 24.30
N GLN A 110 -12.32 3.18 25.12
CA GLN A 110 -12.72 4.53 25.42
C GLN A 110 -13.10 4.56 26.89
N VAL A 111 -13.15 5.75 27.47
CA VAL A 111 -13.52 5.90 28.86
C VAL A 111 -14.98 5.45 29.03
N PRO A 112 -15.42 5.21 30.27
CA PRO A 112 -16.81 4.78 30.50
C PRO A 112 -17.75 5.78 29.83
N ARG A 113 -18.91 5.31 29.38
CA ARG A 113 -19.87 6.18 28.71
C ARG A 113 -20.20 7.45 29.48
N ARG A 114 -20.53 7.32 30.76
CA ARG A 114 -20.88 8.48 31.58
C ARG A 114 -19.77 9.52 31.68
N MET A 115 -18.52 9.09 31.54
CA MET A 115 -17.36 9.99 31.63
C MET A 115 -17.08 10.74 30.33
N ILE A 116 -17.65 10.27 29.23
CA ILE A 116 -17.42 10.90 27.94
C ILE A 116 -17.82 12.36 27.94
N GLY A 117 -16.92 13.21 27.45
CA GLY A 117 -17.18 14.63 27.39
C GLY A 117 -16.95 15.38 28.68
N THR A 118 -16.01 14.92 29.51
CA THR A 118 -15.74 15.60 30.77
C THR A 118 -14.26 15.86 30.98
N ASP A 119 -13.47 15.64 29.94
CA ASP A 119 -12.02 15.83 30.02
C ASP A 119 -11.48 14.78 30.98
N ALA A 120 -12.08 13.61 30.90
CA ALA A 120 -11.72 12.50 31.76
C ALA A 120 -10.30 12.06 31.48
N PHE A 121 -9.77 11.26 32.39
CA PHE A 121 -8.42 10.74 32.26
C PHE A 121 -8.29 9.93 30.97
N GLN A 122 -7.26 10.25 30.20
CA GLN A 122 -6.97 9.56 28.94
C GLN A 122 -8.10 9.46 27.90
N GLU A 123 -8.90 10.52 27.74
CA GLU A 123 -9.97 10.49 26.76
C GLU A 123 -9.74 11.53 25.66
N THR A 124 -10.24 11.22 24.47
CA THR A 124 -10.15 12.10 23.33
C THR A 124 -11.26 11.68 22.39
N PRO A 125 -11.98 12.66 21.82
CA PRO A 125 -13.10 12.47 20.90
C PRO A 125 -12.60 11.83 19.63
N ILE A 126 -12.14 10.59 19.74
CA ILE A 126 -11.57 9.89 18.63
C ILE A 126 -12.50 9.73 17.43
N VAL A 127 -13.80 9.64 17.67
CA VAL A 127 -14.73 9.51 16.56
C VAL A 127 -14.81 10.83 15.82
N GLU A 128 -14.80 11.93 16.57
CA GLU A 128 -14.84 13.28 16.00
C GLU A 128 -13.58 13.51 15.17
N VAL A 129 -12.44 13.25 15.79
CA VAL A 129 -11.13 13.41 15.17
C VAL A 129 -10.97 12.64 13.86
N THR A 130 -11.27 11.35 13.93
CA THR A 130 -11.13 10.42 12.79
C THR A 130 -12.23 10.39 11.72
N ARG A 131 -13.32 11.11 11.93
CA ARG A 131 -14.43 11.11 10.97
C ARG A 131 -14.03 11.40 9.54
N SER A 132 -13.18 12.40 9.32
CA SER A 132 -12.75 12.73 7.97
C SER A 132 -11.60 11.90 7.41
N ILE A 133 -10.97 11.08 8.25
CA ILE A 133 -9.85 10.25 7.77
C ILE A 133 -10.12 8.75 7.83
N THR A 134 -11.40 8.38 7.90
CA THR A 134 -11.77 6.97 7.92
C THR A 134 -12.96 6.78 7.00
N LYS A 135 -13.15 5.55 6.52
CA LYS A 135 -14.27 5.26 5.64
C LYS A 135 -15.58 5.43 6.41
N HIS A 136 -15.55 5.13 7.70
CA HIS A 136 -16.70 5.24 8.58
C HIS A 136 -16.22 4.86 9.98
N ASN A 137 -16.96 5.30 11.01
CA ASN A 137 -16.59 4.96 12.38
C ASN A 137 -17.81 4.86 13.28
N TYR A 138 -17.63 4.24 14.45
CA TYR A 138 -18.71 4.02 15.40
C TYR A 138 -18.29 4.31 16.84
N LEU A 139 -19.28 4.51 17.71
CA LEU A 139 -19.05 4.71 19.13
C LEU A 139 -20.09 3.83 19.80
N VAL A 140 -19.69 2.61 20.18
CA VAL A 140 -20.60 1.67 20.81
C VAL A 140 -21.21 2.27 22.08
N MET A 141 -22.54 2.31 22.16
CA MET A 141 -23.21 2.86 23.33
C MET A 141 -23.97 1.81 24.11
N ASP A 142 -23.89 0.56 23.66
CA ASP A 142 -24.55 -0.54 24.35
C ASP A 142 -23.96 -1.87 23.90
N VAL A 143 -23.69 -2.72 24.89
CA VAL A 143 -23.09 -4.03 24.64
C VAL A 143 -23.91 -4.86 23.65
N GLU A 144 -25.19 -4.57 23.55
CA GLU A 144 -26.06 -5.27 22.63
C GLU A 144 -25.69 -5.03 21.17
N ASP A 145 -25.13 -3.87 20.87
CA ASP A 145 -24.78 -3.54 19.50
C ASP A 145 -23.44 -4.06 19.00
N ILE A 146 -22.63 -4.60 19.90
CA ILE A 146 -21.32 -5.08 19.50
C ILE A 146 -21.34 -6.01 18.29
N PRO A 147 -22.10 -7.12 18.37
CA PRO A 147 -22.12 -8.01 17.21
C PRO A 147 -22.44 -7.30 15.90
N ARG A 148 -23.49 -6.49 15.89
CA ARG A 148 -23.89 -5.77 14.68
C ARG A 148 -22.84 -4.79 14.17
N ILE A 149 -22.28 -3.99 15.07
CA ILE A 149 -21.28 -3.01 14.69
C ILE A 149 -20.02 -3.66 14.12
N ILE A 150 -19.59 -4.75 14.73
CA ILE A 150 -18.40 -5.43 14.26
C ILE A 150 -18.63 -5.99 12.86
N GLU A 151 -19.82 -6.53 12.62
CA GLU A 151 -20.14 -7.08 11.31
C GLU A 151 -20.22 -5.99 10.25
N GLU A 152 -20.81 -4.85 10.63
CA GLU A 152 -20.94 -3.73 9.72
C GLU A 152 -19.57 -3.14 9.42
N ALA A 153 -18.71 -3.11 10.44
CA ALA A 153 -17.37 -2.58 10.28
C ALA A 153 -16.57 -3.39 9.26
N PHE A 154 -16.57 -4.72 9.40
CA PHE A 154 -15.83 -5.56 8.46
C PHE A 154 -16.45 -5.51 7.08
N PHE A 155 -17.77 -5.44 7.04
CA PHE A 155 -18.46 -5.41 5.78
C PHE A 155 -18.04 -4.17 5.01
N LEU A 156 -18.18 -3.02 5.67
CA LEU A 156 -17.84 -1.74 5.08
C LEU A 156 -16.37 -1.58 4.75
N ALA A 157 -15.51 -2.12 5.61
CA ALA A 157 -14.08 -2.03 5.42
C ALA A 157 -13.58 -2.77 4.19
N THR A 158 -14.22 -3.89 3.88
CA THR A 158 -13.81 -4.71 2.76
C THR A 158 -14.62 -4.64 1.46
N SER A 159 -15.83 -4.09 1.52
CA SER A 159 -16.69 -3.99 0.34
C SER A 159 -16.47 -2.70 -0.44
N GLY A 160 -17.01 -2.66 -1.66
CA GLY A 160 -16.87 -1.49 -2.51
C GLY A 160 -15.42 -1.11 -2.62
N ARG A 161 -15.12 0.12 -2.21
CA ARG A 161 -13.76 0.61 -2.23
C ARG A 161 -13.27 0.37 -0.82
N PRO A 162 -12.38 -0.62 -0.63
CA PRO A 162 -11.84 -0.96 0.69
C PRO A 162 -11.38 0.28 1.44
N GLY A 163 -11.46 0.24 2.77
CA GLY A 163 -11.06 1.39 3.57
C GLY A 163 -11.10 1.12 5.05
N PRO A 164 -10.56 2.03 5.88
CA PRO A 164 -10.53 1.88 7.34
C PRO A 164 -11.84 2.21 8.05
N VAL A 165 -12.15 1.44 9.08
CA VAL A 165 -13.35 1.64 9.90
C VAL A 165 -12.92 1.51 11.34
N LEU A 166 -13.23 2.52 12.14
CA LEU A 166 -12.85 2.54 13.56
C LEU A 166 -14.07 2.34 14.45
N VAL A 167 -13.91 1.51 15.48
CA VAL A 167 -14.98 1.22 16.42
C VAL A 167 -14.52 1.61 17.82
N ASP A 168 -15.22 2.58 18.42
CA ASP A 168 -14.86 3.08 19.75
C ASP A 168 -15.68 2.35 20.82
N VAL A 169 -14.99 1.61 21.68
CA VAL A 169 -15.67 0.84 22.72
C VAL A 169 -15.43 1.27 24.16
N PRO A 170 -16.44 1.88 24.80
CA PRO A 170 -16.33 2.33 26.19
C PRO A 170 -15.98 1.22 27.18
N LYS A 171 -15.15 1.56 28.16
CA LYS A 171 -14.72 0.59 29.16
C LYS A 171 -15.88 -0.10 29.87
N ASP A 172 -16.90 0.66 30.25
CA ASP A 172 -18.03 0.05 30.93
C ASP A 172 -18.77 -0.92 30.02
N ILE A 173 -18.81 -0.64 28.72
CA ILE A 173 -19.48 -1.53 27.77
C ILE A 173 -18.70 -2.84 27.67
N GLN A 174 -17.39 -2.74 27.86
CA GLN A 174 -16.50 -3.90 27.81
C GLN A 174 -16.75 -4.86 28.95
N GLN A 175 -17.03 -4.32 30.13
CA GLN A 175 -17.24 -5.11 31.33
C GLN A 175 -18.66 -5.56 31.57
N GLN A 176 -19.59 -5.02 30.79
CA GLN A 176 -21.00 -5.34 30.91
C GLN A 176 -21.31 -6.76 30.41
N LEU A 177 -22.11 -7.51 31.17
CA LEU A 177 -22.46 -8.87 30.79
C LEU A 177 -23.69 -8.96 29.90
N ALA A 178 -23.65 -9.85 28.91
CA ALA A 178 -24.80 -10.00 28.01
C ALA A 178 -24.80 -11.31 27.21
N ILE A 179 -25.92 -11.59 26.57
CA ILE A 179 -26.06 -12.78 25.74
C ILE A 179 -26.10 -12.25 24.32
N PRO A 180 -25.00 -12.39 23.58
CA PRO A 180 -24.89 -11.92 22.20
C PRO A 180 -25.84 -12.58 21.22
N ASN A 181 -26.41 -11.78 20.31
CA ASN A 181 -27.31 -12.29 19.29
C ASN A 181 -26.56 -12.19 17.97
N TRP A 182 -26.08 -13.31 17.47
CA TRP A 182 -25.32 -13.29 16.23
C TRP A 182 -26.15 -13.33 14.96
N GLU A 183 -27.39 -12.85 15.04
CA GLU A 183 -28.29 -12.86 13.89
C GLU A 183 -28.73 -11.46 13.43
N GLN A 184 -28.62 -10.46 14.32
CA GLN A 184 -29.00 -9.09 14.02
C GLN A 184 -28.62 -8.70 12.59
N ALA A 185 -29.51 -8.03 11.88
CA ALA A 185 -29.25 -7.61 10.51
C ALA A 185 -28.55 -6.26 10.49
N MET A 186 -27.61 -6.09 9.56
CA MET A 186 -26.89 -4.83 9.45
C MET A 186 -27.81 -3.69 9.04
N ARG A 187 -27.52 -2.50 9.55
CA ARG A 187 -28.32 -1.33 9.23
C ARG A 187 -27.55 -0.50 8.21
N LEU A 188 -27.49 -0.99 6.97
CA LEU A 188 -26.78 -0.27 5.93
C LEU A 188 -27.65 -0.13 4.67
N PRO A 189 -28.92 0.29 4.85
CA PRO A 189 -29.82 0.44 3.70
C PRO A 189 -29.32 1.32 2.56
N GLY A 190 -28.77 2.48 2.87
CA GLY A 190 -28.27 3.37 1.83
C GLY A 190 -27.05 2.82 1.11
N TYR A 191 -26.03 2.47 1.89
CA TYR A 191 -24.79 1.94 1.36
C TYR A 191 -25.02 0.72 0.46
N MET A 192 -25.77 -0.23 0.97
CA MET A 192 -26.05 -1.44 0.23
C MET A 192 -26.87 -1.23 -1.01
N SER A 193 -27.84 -0.33 -0.96
CA SER A 193 -28.67 -0.07 -2.12
C SER A 193 -27.89 0.70 -3.18
N ARG A 194 -26.67 1.12 -2.84
CA ARG A 194 -25.82 1.87 -3.77
C ARG A 194 -24.60 1.07 -4.24
N MET A 195 -24.53 -0.20 -3.84
CA MET A 195 -23.42 -1.05 -4.23
C MET A 195 -23.52 -1.40 -5.71
N PRO A 196 -22.50 -1.03 -6.50
CA PRO A 196 -22.49 -1.31 -7.95
C PRO A 196 -23.00 -2.69 -8.35
N LYS A 197 -23.67 -2.73 -9.49
CA LYS A 197 -24.21 -3.98 -10.03
C LYS A 197 -23.23 -4.49 -11.07
N PRO A 198 -23.28 -5.79 -11.37
CA PRO A 198 -22.35 -6.33 -12.38
C PRO A 198 -22.48 -5.58 -13.71
N PRO A 199 -21.36 -5.43 -14.44
CA PRO A 199 -21.36 -4.72 -15.72
C PRO A 199 -22.31 -5.30 -16.76
N GLU A 200 -22.97 -4.42 -17.51
CA GLU A 200 -23.91 -4.84 -18.55
C GLU A 200 -23.15 -5.10 -19.83
N ASP A 201 -23.60 -6.11 -20.57
CA ASP A 201 -22.96 -6.46 -21.82
C ASP A 201 -23.02 -5.27 -22.77
N SER A 202 -23.98 -4.40 -22.55
CA SER A 202 -24.15 -3.19 -23.36
C SER A 202 -22.85 -2.37 -23.34
N HIS A 203 -22.52 -1.83 -22.18
CA HIS A 203 -21.32 -1.03 -22.01
C HIS A 203 -20.07 -1.76 -22.46
N LEU A 204 -19.87 -2.97 -21.96
CA LEU A 204 -18.70 -3.77 -22.30
C LEU A 204 -18.56 -3.93 -23.81
N GLU A 205 -19.70 -3.98 -24.48
CA GLU A 205 -19.74 -4.12 -25.93
C GLU A 205 -19.14 -2.86 -26.56
N GLN A 206 -19.50 -1.71 -26.01
CA GLN A 206 -19.01 -0.43 -26.53
C GLN A 206 -17.49 -0.31 -26.36
N ILE A 207 -16.96 -0.82 -25.26
CA ILE A 207 -15.53 -0.75 -25.01
C ILE A 207 -14.80 -1.59 -26.05
N VAL A 208 -15.18 -2.86 -26.17
CA VAL A 208 -14.57 -3.77 -27.14
C VAL A 208 -14.63 -3.18 -28.55
N ARG A 209 -15.62 -2.33 -28.79
CA ARG A 209 -15.80 -1.70 -30.09
C ARG A 209 -14.82 -0.54 -30.25
N LEU A 210 -14.64 0.22 -29.17
CA LEU A 210 -13.72 1.36 -29.15
C LEU A 210 -12.30 0.87 -29.37
N ILE A 211 -12.02 -0.32 -28.85
CA ILE A 211 -10.71 -0.93 -28.99
C ILE A 211 -10.42 -1.20 -30.45
N SER A 212 -11.29 -1.97 -31.10
CA SER A 212 -11.13 -2.31 -32.50
C SER A 212 -11.02 -1.08 -33.39
N GLU A 213 -11.60 0.03 -32.96
CA GLU A 213 -11.58 1.27 -33.73
C GLU A 213 -10.38 2.17 -33.44
N SER A 214 -9.48 1.71 -32.57
CA SER A 214 -8.30 2.50 -32.21
C SER A 214 -7.02 2.00 -32.87
N LYS A 215 -6.02 2.87 -32.91
CA LYS A 215 -4.74 2.53 -33.51
C LYS A 215 -3.65 2.62 -32.44
N LYS A 216 -3.85 3.51 -31.47
CA LYS A 216 -2.88 3.72 -30.38
C LYS A 216 -3.51 3.55 -29.00
N PRO A 217 -3.96 2.33 -28.66
CA PRO A 217 -4.59 2.05 -27.36
C PRO A 217 -3.57 1.89 -26.24
N VAL A 218 -3.93 2.30 -25.04
CA VAL A 218 -3.02 2.18 -23.90
C VAL A 218 -3.78 1.86 -22.61
N LEU A 219 -3.35 0.81 -21.92
CA LEU A 219 -3.95 0.43 -20.65
C LEU A 219 -3.28 1.22 -19.52
N TYR A 220 -4.09 1.86 -18.68
CA TYR A 220 -3.60 2.65 -17.55
C TYR A 220 -4.17 1.98 -16.28
N VAL A 221 -3.48 0.92 -15.87
CA VAL A 221 -3.83 0.08 -14.73
C VAL A 221 -3.40 0.64 -13.37
N GLY A 222 -4.29 0.56 -12.39
CA GLY A 222 -3.98 1.07 -11.06
C GLY A 222 -4.23 0.11 -9.92
N GLY A 223 -4.23 0.65 -8.71
CA GLY A 223 -4.44 -0.19 -7.53
C GLY A 223 -5.71 -1.02 -7.56
N GLY A 224 -6.72 -0.56 -8.29
CA GLY A 224 -7.98 -1.27 -8.37
C GLY A 224 -7.98 -2.61 -9.10
N CYS A 225 -6.83 -3.03 -9.64
CA CYS A 225 -6.76 -4.31 -10.35
C CYS A 225 -6.01 -5.38 -9.56
N LEU A 226 -5.62 -5.05 -8.33
CA LEU A 226 -4.88 -5.99 -7.51
C LEU A 226 -5.52 -7.36 -7.34
N ASN A 227 -6.80 -7.49 -7.70
CA ASN A 227 -7.50 -8.77 -7.57
C ASN A 227 -7.97 -9.32 -8.89
N SER A 228 -7.58 -8.66 -9.97
CA SER A 228 -7.98 -9.08 -11.30
C SER A 228 -6.73 -9.36 -12.12
N SER A 229 -5.72 -9.91 -11.46
CA SER A 229 -4.45 -10.22 -12.11
C SER A 229 -4.63 -11.12 -13.33
N ASP A 230 -5.32 -12.23 -13.14
CA ASP A 230 -5.56 -13.14 -14.25
C ASP A 230 -6.44 -12.49 -15.31
N GLU A 231 -7.60 -11.99 -14.89
CA GLU A 231 -8.52 -11.32 -15.81
C GLU A 231 -7.76 -10.29 -16.66
N LEU A 232 -6.96 -9.47 -16.00
CA LEU A 232 -6.18 -8.44 -16.69
C LEU A 232 -5.22 -9.08 -17.67
N GLY A 233 -4.48 -10.08 -17.20
CA GLY A 233 -3.54 -10.77 -18.06
C GLY A 233 -4.20 -11.25 -19.34
N ARG A 234 -5.25 -12.04 -19.20
CA ARG A 234 -6.01 -12.57 -20.33
C ARG A 234 -6.43 -11.47 -21.29
N PHE A 235 -6.97 -10.40 -20.73
CA PHE A 235 -7.43 -9.27 -21.52
C PHE A 235 -6.31 -8.73 -22.41
N VAL A 236 -5.08 -8.77 -21.89
CA VAL A 236 -3.92 -8.27 -22.61
C VAL A 236 -3.53 -9.18 -23.79
N GLU A 237 -3.60 -10.49 -23.60
CA GLU A 237 -3.23 -11.38 -24.68
C GLU A 237 -4.33 -11.46 -25.75
N LEU A 238 -5.51 -10.96 -25.43
CA LEU A 238 -6.62 -10.97 -26.37
C LEU A 238 -6.67 -9.67 -27.15
N THR A 239 -5.91 -8.67 -26.71
CA THR A 239 -5.91 -7.38 -27.37
C THR A 239 -4.52 -6.85 -27.69
N GLY A 240 -3.52 -7.40 -27.02
CA GLY A 240 -2.15 -6.95 -27.25
C GLY A 240 -1.98 -5.45 -27.06
N ILE A 241 -2.56 -4.91 -26.00
CA ILE A 241 -2.47 -3.47 -25.70
C ILE A 241 -1.44 -3.22 -24.60
N PRO A 242 -0.49 -2.29 -24.83
CA PRO A 242 0.55 -1.97 -23.84
C PRO A 242 -0.01 -1.58 -22.47
N VAL A 243 0.65 -2.05 -21.41
CA VAL A 243 0.22 -1.81 -20.04
C VAL A 243 1.07 -0.86 -19.17
N ALA A 244 0.58 0.36 -18.96
CA ALA A 244 1.29 1.32 -18.10
C ALA A 244 0.60 1.19 -16.73
N SER A 245 1.36 1.19 -15.65
CA SER A 245 0.78 1.04 -14.30
C SER A 245 1.10 2.18 -13.33
N THR A 246 0.28 2.33 -12.30
CA THR A 246 0.55 3.36 -11.28
C THR A 246 1.41 2.73 -10.22
N LEU A 247 1.87 3.55 -9.27
CA LEU A 247 2.69 3.05 -8.19
C LEU A 247 1.89 2.04 -7.36
N MET A 248 0.58 2.22 -7.31
CA MET A 248 -0.29 1.32 -6.55
C MET A 248 -0.69 0.06 -7.32
N GLY A 249 -0.56 0.11 -8.65
CA GLY A 249 -0.93 -1.04 -9.45
C GLY A 249 0.23 -1.96 -9.78
N LEU A 250 1.44 -1.59 -9.37
CA LEU A 250 2.60 -2.41 -9.66
C LEU A 250 2.30 -3.84 -9.30
N GLY A 251 2.62 -4.76 -10.19
CA GLY A 251 2.38 -6.16 -9.92
C GLY A 251 1.12 -6.72 -10.56
N SER A 252 0.09 -5.89 -10.73
CA SER A 252 -1.15 -6.36 -11.34
C SER A 252 -0.78 -7.05 -12.65
N TYR A 253 0.15 -6.44 -13.36
CA TYR A 253 0.65 -6.99 -14.61
C TYR A 253 2.17 -7.02 -14.48
N PRO A 254 2.79 -8.19 -14.75
CA PRO A 254 4.24 -8.38 -14.66
C PRO A 254 5.08 -7.29 -15.33
N ASP A 256 8.26 -7.60 -16.00
CA ASP A 256 9.17 -8.28 -16.92
C ASP A 256 8.47 -8.85 -18.14
N ASP A 257 7.54 -8.09 -18.71
CA ASP A 257 6.82 -8.53 -19.90
C ASP A 257 7.02 -7.49 -20.99
N GLU A 258 7.18 -7.93 -22.24
CA GLU A 258 7.42 -7.01 -23.33
C GLU A 258 6.30 -6.02 -23.60
N LEU A 259 5.09 -6.33 -23.13
CA LEU A 259 3.97 -5.44 -23.34
C LEU A 259 3.87 -4.40 -22.24
N SER A 260 4.69 -4.62 -21.20
CA SER A 260 4.72 -3.75 -20.03
C SER A 260 5.48 -2.44 -20.23
N LEU A 261 4.75 -1.32 -20.23
CA LEU A 261 5.36 0.00 -20.38
C LEU A 261 5.84 0.48 -19.01
N HIS A 262 5.60 -0.35 -18.00
CA HIS A 262 6.00 -0.05 -16.64
C HIS A 262 5.20 1.09 -16.03
N MET A 263 5.77 1.76 -15.04
CA MET A 263 5.07 2.84 -14.35
C MET A 263 5.06 4.17 -15.06
N LEU A 264 3.95 4.87 -14.97
CA LEU A 264 3.85 6.19 -15.57
C LEU A 264 3.75 7.16 -14.40
N GLY A 265 3.71 8.46 -14.69
CA GLY A 265 3.61 9.44 -13.62
C GLY A 265 4.84 10.32 -13.55
N MET A 266 4.88 11.14 -12.49
CA MET A 266 5.96 12.07 -12.24
C MET A 266 7.34 11.45 -12.40
N HIS A 267 7.45 10.18 -11.97
CA HIS A 267 8.70 9.45 -12.08
C HIS A 267 8.53 8.21 -12.93
N GLY A 268 7.56 8.23 -13.83
CA GLY A 268 7.33 7.10 -14.70
C GLY A 268 8.35 7.06 -15.81
N THR A 269 8.44 5.93 -16.51
CA THR A 269 9.39 5.80 -17.61
C THR A 269 8.99 6.80 -18.69
N VAL A 270 9.97 7.19 -19.49
CA VAL A 270 9.71 8.14 -20.56
C VAL A 270 8.77 7.48 -21.57
N TYR A 271 8.92 6.18 -21.80
CA TYR A 271 8.07 5.51 -22.76
C TYR A 271 6.62 5.27 -22.29
N ALA A 272 6.41 5.06 -21.00
CA ALA A 272 5.06 4.86 -20.50
C ALA A 272 4.27 6.17 -20.70
N ASN A 273 4.88 7.29 -20.33
CA ASN A 273 4.21 8.58 -20.47
C ASN A 273 4.00 8.90 -21.94
N TYR A 274 4.98 8.56 -22.76
CA TYR A 274 4.89 8.81 -24.19
C TYR A 274 3.64 8.10 -24.69
N ALA A 275 3.56 6.80 -24.41
CA ALA A 275 2.43 6.00 -24.83
C ALA A 275 1.10 6.66 -24.47
N VAL A 276 1.01 7.24 -23.29
CA VAL A 276 -0.23 7.89 -22.86
C VAL A 276 -0.44 9.25 -23.52
N GLU A 277 0.65 9.99 -23.71
CA GLU A 277 0.60 11.31 -24.34
C GLU A 277 0.09 11.23 -25.78
N HIS A 278 0.41 10.14 -26.46
CA HIS A 278 0.04 9.98 -27.86
C HIS A 278 -1.02 8.91 -28.14
N SER A 279 -1.67 8.44 -27.09
CA SER A 279 -2.70 7.41 -27.27
C SER A 279 -3.98 8.02 -27.83
N ASP A 280 -4.84 7.15 -28.33
CA ASP A 280 -6.12 7.56 -28.88
C ASP A 280 -7.24 6.85 -28.12
N LEU A 281 -6.86 5.95 -27.21
CA LEU A 281 -7.81 5.19 -26.40
C LEU A 281 -7.20 4.86 -25.05
N LEU A 282 -7.57 5.61 -24.01
CA LEU A 282 -7.04 5.36 -22.68
C LEU A 282 -7.96 4.46 -21.86
N LEU A 283 -7.51 3.24 -21.60
CA LEU A 283 -8.29 2.30 -20.79
C LEU A 283 -7.85 2.41 -19.33
N ALA A 284 -8.47 3.32 -18.60
CA ALA A 284 -8.13 3.55 -17.19
C ALA A 284 -8.87 2.60 -16.26
N PHE A 285 -8.23 1.48 -15.93
CA PHE A 285 -8.86 0.50 -15.05
C PHE A 285 -8.30 0.49 -13.62
N GLY A 286 -9.15 0.85 -12.67
CA GLY A 286 -8.74 0.85 -11.28
C GLY A 286 -7.75 1.93 -10.90
N VAL A 287 -7.96 3.13 -11.43
CA VAL A 287 -7.09 4.27 -11.16
C VAL A 287 -7.93 5.44 -10.67
N ARG A 288 -7.29 6.46 -10.10
CA ARG A 288 -8.05 7.63 -9.63
C ARG A 288 -7.46 8.93 -10.16
N PHE A 289 -6.93 8.89 -11.37
CA PHE A 289 -6.32 10.05 -12.03
C PHE A 289 -5.69 11.01 -11.04
N ASP A 290 -4.70 10.52 -10.30
CA ASP A 290 -4.00 11.31 -9.30
C ASP A 290 -3.12 12.36 -9.98
N ASP A 291 -2.75 13.41 -9.26
CA ASP A 291 -1.94 14.44 -9.87
C ASP A 291 -0.49 13.99 -10.12
N ARG A 292 0.01 13.04 -9.33
CA ARG A 292 1.37 12.56 -9.56
C ARG A 292 1.37 11.71 -10.82
N VAL A 293 0.22 11.63 -11.49
CA VAL A 293 0.11 10.84 -12.70
C VAL A 293 -0.34 11.70 -13.88
N THR A 294 -1.23 12.65 -13.62
CA THR A 294 -1.74 13.50 -14.70
C THR A 294 -0.94 14.79 -14.89
N GLY A 295 -0.46 15.35 -13.79
CA GLY A 295 0.28 16.60 -13.91
C GLY A 295 -0.76 17.61 -14.34
N LYS A 296 -0.61 18.18 -15.53
CA LYS A 296 -1.57 19.14 -16.03
C LYS A 296 -2.71 18.36 -16.69
N LEU A 297 -3.86 18.32 -16.02
CA LEU A 297 -5.02 17.58 -16.51
C LEU A 297 -5.39 17.81 -17.97
N GLU A 298 -5.47 19.06 -18.39
CA GLU A 298 -5.84 19.38 -19.77
C GLU A 298 -4.88 18.76 -20.77
N ALA A 299 -3.65 18.50 -20.33
CA ALA A 299 -2.64 17.93 -21.21
C ALA A 299 -2.53 16.42 -21.13
N PHE A 300 -3.13 15.82 -20.11
CA PHE A 300 -3.06 14.38 -19.90
C PHE A 300 -3.98 13.61 -20.83
N ALA A 301 -3.40 12.65 -21.57
CA ALA A 301 -4.17 11.83 -22.51
C ALA A 301 -5.11 12.68 -23.36
N SER A 302 -4.67 13.89 -23.66
CA SER A 302 -5.47 14.84 -24.44
C SER A 302 -5.74 14.45 -25.89
N ARG A 303 -5.23 13.32 -26.34
CA ARG A 303 -5.45 12.93 -27.72
C ARG A 303 -6.31 11.68 -27.86
N ALA A 304 -6.92 11.23 -26.77
CA ALA A 304 -7.73 10.03 -26.88
C ALA A 304 -9.01 9.87 -26.07
N LYS A 305 -9.80 8.89 -26.50
CA LYS A 305 -11.06 8.53 -25.87
C LYS A 305 -10.71 7.87 -24.54
N ILE A 306 -11.32 8.33 -23.46
CA ILE A 306 -11.04 7.78 -22.15
C ILE A 306 -12.16 6.88 -21.61
N VAL A 307 -11.81 5.62 -21.35
CA VAL A 307 -12.74 4.65 -20.78
C VAL A 307 -12.29 4.48 -19.34
N HIS A 308 -13.16 4.76 -18.40
CA HIS A 308 -12.82 4.67 -16.99
C HIS A 308 -13.77 3.75 -16.22
N ILE A 309 -13.24 2.64 -15.74
CA ILE A 309 -14.02 1.67 -14.97
C ILE A 309 -13.58 1.77 -13.50
N ASP A 310 -14.48 2.20 -12.62
CA ASP A 310 -14.16 2.34 -11.19
C ASP A 310 -15.32 1.88 -10.31
N ILE A 311 -14.98 1.32 -9.15
CA ILE A 311 -15.96 0.81 -8.20
C ILE A 311 -16.60 1.95 -7.40
N ASP A 312 -15.97 3.11 -7.46
CA ASP A 312 -16.44 4.30 -6.74
C ASP A 312 -16.98 5.34 -7.73
N SER A 313 -18.29 5.55 -7.73
CA SER A 313 -18.91 6.51 -8.63
C SER A 313 -18.36 7.93 -8.48
N ALA A 314 -18.00 8.29 -7.25
CA ALA A 314 -17.47 9.62 -6.95
C ALA A 314 -16.10 9.85 -7.60
N GLU A 315 -15.52 8.81 -8.18
CA GLU A 315 -14.23 8.93 -8.84
C GLU A 315 -14.37 9.14 -10.35
N ILE A 316 -15.46 8.66 -10.93
CA ILE A 316 -15.65 8.80 -12.37
C ILE A 316 -16.05 10.22 -12.73
N GLY A 317 -15.10 10.92 -13.32
CA GLY A 317 -15.31 12.29 -13.72
C GLY A 317 -14.81 13.29 -12.70
N LYS A 318 -14.12 12.84 -11.66
CA LYS A 318 -13.61 13.73 -10.63
C LYS A 318 -12.53 14.69 -11.16
N ASN A 319 -11.69 14.20 -12.08
CA ASN A 319 -10.62 15.03 -12.67
C ASN A 319 -10.61 15.00 -14.20
N LYS A 320 -10.80 13.82 -14.78
CA LYS A 320 -10.84 13.68 -16.24
C LYS A 320 -12.24 13.21 -16.63
N THR A 321 -12.82 13.83 -17.66
CA THR A 321 -14.15 13.40 -18.08
C THR A 321 -14.02 12.22 -19.04
N PRO A 322 -14.57 11.07 -18.66
CA PRO A 322 -14.47 9.91 -19.55
C PRO A 322 -15.38 10.12 -20.75
N HIS A 323 -15.19 9.30 -21.78
CA HIS A 323 -16.02 9.36 -22.97
C HIS A 323 -16.87 8.12 -22.85
N VAL A 324 -16.49 7.29 -21.90
CA VAL A 324 -17.16 6.03 -21.62
C VAL A 324 -16.79 5.64 -20.20
N SER A 325 -17.80 5.48 -19.36
CA SER A 325 -17.52 5.09 -17.99
C SER A 325 -18.28 3.83 -17.67
N VAL A 326 -17.85 3.15 -16.62
CA VAL A 326 -18.47 1.92 -16.17
C VAL A 326 -18.23 1.85 -14.67
N CYS A 327 -19.29 2.04 -13.89
CA CYS A 327 -19.16 1.99 -12.46
C CYS A 327 -19.38 0.55 -12.02
N GLY A 328 -18.33 -0.09 -11.55
CA GLY A 328 -18.44 -1.46 -11.10
C GLY A 328 -17.09 -2.14 -10.92
N ASP A 329 -17.14 -3.42 -10.55
CA ASP A 329 -15.94 -4.22 -10.32
C ASP A 329 -15.17 -4.48 -11.61
N VAL A 330 -13.95 -3.94 -11.67
CA VAL A 330 -13.10 -4.09 -12.85
C VAL A 330 -12.82 -5.55 -13.17
N LYS A 331 -12.87 -6.40 -12.15
CA LYS A 331 -12.63 -7.82 -12.34
C LYS A 331 -13.72 -8.42 -13.22
N LEU A 332 -14.95 -8.00 -12.96
CA LEU A 332 -16.10 -8.47 -13.72
C LEU A 332 -16.10 -7.83 -15.09
N ALA A 333 -15.70 -6.57 -15.17
CA ALA A 333 -15.64 -5.87 -16.46
C ALA A 333 -14.69 -6.62 -17.38
N LEU A 334 -13.54 -7.01 -16.84
CA LEU A 334 -12.54 -7.75 -17.62
C LEU A 334 -13.10 -9.11 -18.02
N GLN A 335 -13.69 -9.81 -17.07
CA GLN A 335 -14.28 -11.12 -17.34
C GLN A 335 -15.25 -11.05 -18.51
N GLY A 336 -16.11 -10.03 -18.49
CA GLY A 336 -17.08 -9.87 -19.56
C GLY A 336 -16.43 -9.51 -20.89
N MET A 337 -15.54 -8.54 -20.87
CA MET A 337 -14.87 -8.11 -22.08
C MET A 337 -14.03 -9.21 -22.70
N ASN A 338 -13.49 -10.09 -21.87
CA ASN A 338 -12.67 -11.17 -22.40
C ASN A 338 -13.55 -12.12 -23.21
N LYS A 339 -14.77 -12.37 -22.72
CA LYS A 339 -15.71 -13.23 -23.42
C LYS A 339 -15.96 -12.65 -24.80
N VAL A 340 -16.45 -11.42 -24.83
CA VAL A 340 -16.73 -10.73 -26.09
C VAL A 340 -15.52 -10.80 -27.02
N LEU A 341 -14.33 -10.62 -26.47
CA LEU A 341 -13.11 -10.66 -27.26
C LEU A 341 -12.79 -12.06 -27.81
N GLU A 342 -13.10 -13.09 -27.05
CA GLU A 342 -12.83 -14.45 -27.51
C GLU A 342 -13.76 -14.87 -28.64
N ASN A 343 -15.01 -14.44 -28.57
CA ASN A 343 -15.97 -14.81 -29.60
C ASN A 343 -15.75 -14.03 -30.89
N ARG A 344 -15.85 -12.72 -30.82
CA ARG A 344 -15.66 -11.90 -32.00
C ARG A 344 -14.18 -11.82 -32.39
N ALA A 345 -13.44 -12.88 -32.07
CA ALA A 345 -12.01 -12.94 -32.37
C ALA A 345 -11.69 -12.59 -33.82
N GLU A 346 -11.91 -13.56 -34.70
CA GLU A 346 -11.63 -13.40 -36.13
C GLU A 346 -12.23 -12.14 -36.74
N GLU A 347 -13.49 -11.87 -36.46
CA GLU A 347 -14.15 -10.69 -37.01
C GLU A 347 -13.54 -9.37 -36.51
N LEU A 348 -12.70 -9.45 -35.49
CA LEU A 348 -12.06 -8.27 -34.93
C LEU A 348 -10.68 -8.04 -35.50
N LYS A 349 -9.88 -9.11 -35.53
CA LYS A 349 -8.51 -9.05 -36.04
C LYS A 349 -7.79 -7.87 -35.39
N LEU A 350 -7.62 -7.96 -34.08
CA LEU A 350 -6.95 -6.91 -33.34
C LEU A 350 -5.43 -7.00 -33.49
N ASP A 351 -4.84 -5.94 -34.03
CA ASP A 351 -3.39 -5.91 -34.20
C ASP A 351 -2.88 -4.49 -33.96
N PHE A 352 -2.09 -4.32 -32.91
CA PHE A 352 -1.53 -3.02 -32.58
C PHE A 352 0.00 -3.04 -32.65
N GLY A 353 0.52 -3.96 -33.46
CA GLY A 353 1.96 -4.08 -33.62
C GLY A 353 2.67 -2.79 -33.97
N VAL A 354 2.10 -2.01 -34.89
CA VAL A 354 2.71 -0.75 -35.28
C VAL A 354 2.80 0.21 -34.09
N TRP A 355 1.77 0.21 -33.26
CA TRP A 355 1.75 1.08 -32.09
C TRP A 355 2.84 0.63 -31.14
N ARG A 356 2.87 -0.68 -30.85
CA ARG A 356 3.87 -1.23 -29.94
C ARG A 356 5.31 -0.93 -30.38
N ASN A 357 5.56 -0.86 -31.68
CA ASN A 357 6.91 -0.56 -32.16
C ASN A 357 7.21 0.91 -31.96
N GLU A 358 6.26 1.76 -32.34
CA GLU A 358 6.43 3.20 -32.20
C GLU A 358 6.81 3.45 -30.74
N LEU A 359 6.34 2.53 -29.89
CA LEU A 359 6.60 2.59 -28.47
C LEU A 359 7.91 1.91 -28.12
N ASN A 360 8.09 0.68 -28.59
CA ASN A 360 9.31 -0.06 -28.30
C ASN A 360 10.56 0.67 -28.71
N VAL A 361 10.42 1.70 -29.53
CA VAL A 361 11.57 2.49 -29.93
C VAL A 361 11.87 3.44 -28.77
N GLN A 362 10.83 4.08 -28.26
CA GLN A 362 11.01 4.98 -27.13
C GLN A 362 11.58 4.18 -25.96
N LYS A 363 11.07 2.97 -25.77
CA LYS A 363 11.52 2.11 -24.67
C LYS A 363 13.00 1.82 -24.84
N GLN A 364 13.49 1.97 -26.07
CA GLN A 364 14.87 1.71 -26.41
C GLN A 364 15.71 2.97 -26.32
N LYS A 365 15.22 4.06 -26.88
CA LYS A 365 15.95 5.33 -26.86
C LYS A 365 15.92 5.97 -25.46
N PHE A 366 14.98 5.54 -24.61
CA PHE A 366 14.89 6.12 -23.27
C PHE A 366 14.58 5.14 -22.16
N PRO A 367 15.43 4.12 -21.95
CA PRO A 367 15.18 3.15 -20.89
C PRO A 367 15.59 3.70 -19.53
N LEU A 368 15.07 3.09 -18.45
CA LEU A 368 15.44 3.53 -17.12
C LEU A 368 16.95 3.36 -17.03
N SER A 369 17.65 4.37 -16.53
CA SER A 369 19.09 4.26 -16.48
C SER A 369 19.74 4.91 -15.27
N PHE A 370 20.78 4.26 -14.77
CA PHE A 370 21.53 4.77 -13.62
C PHE A 370 23.02 4.82 -13.95
N LYS A 371 23.75 5.60 -13.17
CA LYS A 371 25.18 5.77 -13.38
C LYS A 371 26.00 5.22 -12.21
N THR A 372 27.13 4.59 -12.52
CA THR A 372 28.00 4.04 -11.47
C THR A 372 29.25 4.92 -11.33
N PHE A 373 29.64 5.24 -10.11
CA PHE A 373 30.80 6.09 -9.87
C PHE A 373 31.83 5.36 -9.04
N GLY A 374 32.97 5.05 -9.65
CA GLY A 374 34.01 4.35 -8.94
C GLY A 374 33.46 3.07 -8.33
N GLU A 375 33.73 2.88 -7.05
CA GLU A 375 33.27 1.70 -6.33
C GLU A 375 32.09 1.98 -5.41
N ALA A 376 31.53 3.18 -5.54
CA ALA A 376 30.37 3.56 -4.73
C ALA A 376 29.20 2.67 -5.16
N ILE A 377 28.29 2.40 -4.22
CA ILE A 377 27.15 1.55 -4.52
C ILE A 377 25.98 2.33 -5.10
N PRO A 378 25.52 1.96 -6.31
CA PRO A 378 24.38 2.68 -6.87
C PRO A 378 23.14 2.06 -6.23
N PRO A 379 22.27 2.87 -5.61
CA PRO A 379 21.08 2.26 -5.00
C PRO A 379 20.27 1.42 -5.99
N GLN A 380 20.13 1.89 -7.21
CA GLN A 380 19.39 1.18 -8.24
C GLN A 380 19.96 -0.23 -8.40
N TYR A 381 21.28 -0.30 -8.61
CA TYR A 381 21.97 -1.57 -8.77
C TYR A 381 21.72 -2.50 -7.58
N ALA A 382 21.79 -1.95 -6.37
CA ALA A 382 21.55 -2.73 -5.16
C ALA A 382 20.21 -3.43 -5.28
N ILE A 383 19.17 -2.65 -5.52
CA ILE A 383 17.83 -3.17 -5.68
C ILE A 383 17.79 -4.22 -6.79
N LYS A 384 18.48 -3.95 -7.89
CA LYS A 384 18.54 -4.89 -9.00
C LYS A 384 19.15 -6.23 -8.59
N VAL A 385 20.16 -6.18 -7.74
CA VAL A 385 20.81 -7.39 -7.28
C VAL A 385 19.84 -8.15 -6.39
N LEU A 386 19.09 -7.40 -5.59
CA LEU A 386 18.11 -8.00 -4.69
C LEU A 386 17.06 -8.70 -5.54
N ASP A 387 16.67 -8.06 -6.63
CA ASP A 387 15.68 -8.63 -7.55
C ASP A 387 16.22 -9.98 -8.03
N GLU A 388 17.42 -9.94 -8.58
CA GLU A 388 18.06 -11.13 -9.10
C GLU A 388 18.18 -12.23 -8.07
N LEU A 389 18.79 -11.93 -6.94
CA LEU A 389 18.98 -12.94 -5.90
C LEU A 389 17.70 -13.52 -5.30
N THR A 390 16.60 -12.79 -5.38
CA THR A 390 15.34 -13.30 -4.84
C THR A 390 14.43 -13.79 -5.96
N ASP A 391 14.90 -13.64 -7.19
CA ASP A 391 14.14 -14.08 -8.35
C ASP A 391 12.81 -13.33 -8.44
N GLY A 392 12.80 -12.11 -7.93
CA GLY A 392 11.61 -11.29 -7.97
C GLY A 392 10.38 -11.92 -7.35
N LYS A 393 10.58 -12.76 -6.34
CA LYS A 393 9.45 -13.41 -5.69
C LYS A 393 9.31 -12.91 -4.27
N ALA A 394 10.05 -11.86 -3.95
CA ALA A 394 10.02 -11.31 -2.61
C ALA A 394 8.91 -10.28 -2.41
N ILE A 395 8.45 -10.17 -1.17
CA ILE A 395 7.44 -9.17 -0.84
C ILE A 395 8.29 -7.98 -0.43
N ILE A 396 8.06 -6.84 -1.08
CA ILE A 396 8.83 -5.64 -0.78
C ILE A 396 8.04 -4.56 -0.05
N SER A 397 8.55 -4.19 1.11
CA SER A 397 7.96 -3.16 1.95
C SER A 397 8.83 -1.92 1.68
N THR A 398 8.28 -0.72 1.85
CA THR A 398 9.04 0.49 1.53
C THR A 398 8.79 1.74 2.39
N GLY A 399 9.79 2.62 2.43
CA GLY A 399 9.62 3.87 3.15
C GLY A 399 9.11 4.89 2.15
N VAL A 400 9.36 6.17 2.35
CA VAL A 400 8.90 7.15 1.37
C VAL A 400 10.05 8.05 0.96
N GLY A 401 10.19 8.24 -0.35
CA GLY A 401 11.26 9.08 -0.86
C GLY A 401 11.93 8.48 -2.08
N GLN A 402 13.20 8.84 -2.27
CA GLN A 402 13.94 8.34 -3.41
C GLN A 402 14.02 6.83 -3.42
N HIS A 403 14.40 6.25 -2.28
CA HIS A 403 14.53 4.80 -2.21
C HIS A 403 13.24 4.12 -2.64
N GLN A 404 12.12 4.74 -2.26
CA GLN A 404 10.80 4.21 -2.62
C GLN A 404 10.64 4.18 -4.13
N MET A 405 11.05 5.26 -4.80
CA MET A 405 10.93 5.32 -6.25
C MET A 405 11.90 4.33 -6.90
N TRP A 406 13.10 4.19 -6.36
CA TRP A 406 14.00 3.24 -6.97
C TRP A 406 13.54 1.81 -6.69
N ALA A 407 12.96 1.59 -5.52
CA ALA A 407 12.49 0.25 -5.19
C ALA A 407 11.35 -0.12 -6.11
N ALA A 408 10.73 0.88 -6.71
CA ALA A 408 9.62 0.65 -7.63
C ALA A 408 10.12 0.49 -9.05
N GLN A 409 11.15 1.26 -9.40
CA GLN A 409 11.73 1.22 -10.74
C GLN A 409 12.59 0.00 -11.01
N PHE A 410 13.46 -0.34 -10.07
CA PHE A 410 14.36 -1.44 -10.32
C PHE A 410 14.07 -2.83 -9.78
N TYR A 411 12.79 -3.12 -9.52
CA TYR A 411 12.41 -4.45 -9.07
C TYR A 411 11.26 -4.88 -9.97
N ASN A 412 11.21 -6.17 -10.31
CA ASN A 412 10.16 -6.66 -11.18
C ASN A 412 9.20 -7.55 -10.45
N TYR A 413 8.04 -6.98 -10.14
CA TYR A 413 7.00 -7.68 -9.44
C TYR A 413 6.25 -8.59 -10.39
N LYS A 414 6.11 -9.85 -10.01
CA LYS A 414 5.43 -10.83 -10.84
C LYS A 414 3.93 -10.84 -10.55
N LYS A 415 3.58 -10.59 -9.29
CA LYS A 415 2.17 -10.60 -8.87
C LYS A 415 1.83 -9.42 -7.96
N PRO A 416 0.52 -9.16 -7.76
CA PRO A 416 0.09 -8.05 -6.91
C PRO A 416 0.28 -8.47 -5.44
N ARG A 417 0.26 -7.50 -4.52
CA ARG A 417 0.42 -7.79 -3.10
C ARG A 417 1.82 -8.31 -2.77
N GLN A 418 2.79 -7.79 -3.53
CA GLN A 418 4.19 -8.13 -3.41
C GLN A 418 4.88 -6.77 -3.15
N TRP A 419 4.15 -5.71 -3.50
CA TRP A 419 4.61 -4.33 -3.36
C TRP A 419 3.72 -3.60 -2.36
N LEU A 420 4.26 -3.36 -1.16
CA LEU A 420 3.56 -2.67 -0.10
C LEU A 420 4.24 -1.33 0.09
N SER A 421 3.60 -0.25 -0.34
CA SER A 421 4.18 1.08 -0.22
C SER A 421 3.10 2.15 -0.08
N SER A 422 3.30 3.09 0.85
CA SER A 422 2.36 4.17 1.10
C SER A 422 2.38 5.18 -0.03
N GLY A 423 1.35 5.16 -0.88
CA GLY A 423 1.31 6.06 -2.03
C GLY A 423 0.54 7.37 -1.94
N GLY A 424 -0.71 7.32 -1.51
CA GLY A 424 -1.51 8.54 -1.42
C GLY A 424 -1.04 9.55 -0.40
N LEU A 425 -0.87 9.11 0.84
CA LEU A 425 -0.41 10.00 1.91
C LEU A 425 1.11 10.06 1.94
N GLY A 426 1.76 8.97 1.51
CA GLY A 426 3.21 8.91 1.49
C GLY A 426 3.81 9.07 2.88
N ALA A 427 3.42 8.19 3.80
CA ALA A 427 3.90 8.26 5.17
C ALA A 427 5.28 7.62 5.38
N MET A 428 6.15 8.36 6.05
CA MET A 428 7.48 7.85 6.35
C MET A 428 7.37 6.90 7.54
N GLY A 429 8.34 5.99 7.67
CA GLY A 429 8.31 5.05 8.78
C GLY A 429 7.28 3.96 8.60
N PHE A 430 6.92 3.72 7.34
CA PHE A 430 5.92 2.71 6.97
C PHE A 430 6.53 1.33 6.69
N GLY A 431 7.73 1.32 6.13
CA GLY A 431 8.42 0.09 5.77
C GLY A 431 8.68 -0.98 6.81
N LEU A 432 9.37 -0.65 7.90
CA LEU A 432 9.66 -1.67 8.88
C LEU A 432 8.41 -2.34 9.44
N PRO A 433 7.42 -1.54 9.91
CA PRO A 433 6.18 -2.10 10.46
C PRO A 433 5.36 -2.87 9.41
N ALA A 434 5.29 -2.33 8.20
CA ALA A 434 4.53 -2.98 7.13
C ALA A 434 5.13 -4.34 6.86
N ALA A 435 6.45 -4.41 6.89
CA ALA A 435 7.17 -5.66 6.66
C ALA A 435 6.73 -6.68 7.70
N ILE A 436 6.60 -6.22 8.95
CA ILE A 436 6.17 -7.07 10.04
C ILE A 436 4.83 -7.73 9.71
N GLY A 437 3.87 -6.93 9.25
CA GLY A 437 2.57 -7.45 8.90
C GLY A 437 2.59 -8.42 7.73
N ALA A 438 3.33 -8.06 6.69
CA ALA A 438 3.45 -8.91 5.50
C ALA A 438 4.07 -10.27 5.86
N SER A 439 5.04 -10.25 6.77
CA SER A 439 5.69 -11.47 7.20
C SER A 439 4.74 -12.40 7.97
N VAL A 440 4.01 -11.84 8.92
CA VAL A 440 3.07 -12.64 9.71
C VAL A 440 1.95 -13.19 8.83
N ALA A 441 1.65 -12.47 7.75
CA ALA A 441 0.60 -12.88 6.83
C ALA A 441 1.14 -13.83 5.77
N ASN A 442 2.47 -13.89 5.65
CA ASN A 442 3.13 -14.75 4.67
C ASN A 442 4.41 -15.31 5.32
N PRO A 443 4.25 -16.24 6.26
CA PRO A 443 5.32 -16.90 7.01
C PRO A 443 6.44 -17.52 6.17
N ASP A 444 6.07 -18.17 5.08
CA ASP A 444 7.04 -18.83 4.22
C ASP A 444 7.52 -17.99 3.04
N ALA A 445 7.38 -16.68 3.16
CA ALA A 445 7.79 -15.80 2.07
C ALA A 445 8.99 -14.97 2.43
N ILE A 446 9.68 -14.47 1.41
CA ILE A 446 10.83 -13.62 1.61
C ILE A 446 10.19 -12.25 1.76
N VAL A 447 10.55 -11.56 2.82
CA VAL A 447 10.01 -10.24 3.08
C VAL A 447 11.15 -9.27 3.30
N VAL A 448 11.43 -8.45 2.28
CA VAL A 448 12.50 -7.47 2.36
C VAL A 448 11.96 -6.05 2.43
N ASP A 449 12.44 -5.29 3.42
CA ASP A 449 12.03 -3.91 3.58
C ASP A 449 13.15 -3.03 3.06
N ILE A 450 12.89 -2.36 1.94
CA ILE A 450 13.85 -1.45 1.33
C ILE A 450 13.58 -0.08 1.94
N ASP A 451 14.39 0.30 2.91
CA ASP A 451 14.22 1.56 3.64
C ASP A 451 15.28 2.62 3.40
N GLY A 452 14.98 3.83 3.90
CA GLY A 452 15.88 4.96 3.81
C GLY A 452 16.23 5.25 5.26
N ASP A 453 17.39 5.85 5.50
CA ASP A 453 17.82 6.13 6.87
C ASP A 453 16.87 7.06 7.60
N GLY A 454 16.19 7.93 6.85
CA GLY A 454 15.24 8.84 7.49
C GLY A 454 13.99 8.13 7.96
N SER A 455 13.37 7.38 7.06
CA SER A 455 12.15 6.63 7.36
C SER A 455 12.43 5.54 8.37
N PHE A 456 13.45 4.75 8.11
CA PHE A 456 13.79 3.65 8.98
C PHE A 456 13.82 4.01 10.48
N ILE A 457 14.43 5.15 10.81
CA ILE A 457 14.54 5.50 12.22
C ILE A 457 13.26 5.89 12.95
N MET A 458 12.28 6.45 12.25
CA MET A 458 11.03 6.88 12.88
C MET A 458 10.31 5.79 13.68
N ASN A 459 10.30 4.58 13.12
CA ASN A 459 9.68 3.45 13.81
C ASN A 459 10.71 2.35 13.96
N VAL A 460 11.92 2.73 14.35
CA VAL A 460 13.01 1.79 14.55
C VAL A 460 12.70 0.91 15.76
N GLN A 461 11.84 1.38 16.64
CA GLN A 461 11.50 0.61 17.83
C GLN A 461 10.87 -0.73 17.47
N GLU A 462 10.34 -0.84 16.26
CA GLU A 462 9.71 -2.09 15.86
C GLU A 462 10.70 -3.23 15.60
N LEU A 463 11.99 -2.94 15.78
CA LEU A 463 13.01 -3.97 15.60
C LEU A 463 12.86 -4.93 16.76
N ALA A 464 12.41 -4.39 17.90
CA ALA A 464 12.18 -5.20 19.10
C ALA A 464 11.08 -6.20 18.78
N THR A 465 10.05 -5.72 18.09
CA THR A 465 8.91 -6.54 17.68
C THR A 465 9.37 -7.68 16.78
N ILE A 466 10.09 -7.34 15.72
CA ILE A 466 10.60 -8.32 14.76
C ILE A 466 11.38 -9.45 15.45
N ARG A 467 12.20 -9.10 16.43
CA ARG A 467 12.99 -10.10 17.14
C ARG A 467 12.12 -10.96 18.03
N VAL A 468 11.41 -10.34 18.95
CA VAL A 468 10.54 -11.05 19.87
C VAL A 468 9.52 -11.93 19.15
N GLU A 469 9.03 -11.48 18.01
CA GLU A 469 8.05 -12.27 17.26
C GLU A 469 8.74 -13.25 16.32
N ASN A 470 10.08 -13.24 16.34
CA ASN A 470 10.90 -14.09 15.50
C ASN A 470 10.44 -14.18 14.05
N LEU A 471 10.35 -13.02 13.41
CA LEU A 471 9.93 -12.89 12.03
C LEU A 471 11.14 -12.70 11.12
N PRO A 472 11.22 -13.48 10.04
CA PRO A 472 12.31 -13.44 9.06
C PRO A 472 12.29 -12.20 8.18
N VAL A 473 12.28 -11.03 8.79
CA VAL A 473 12.26 -9.79 8.01
C VAL A 473 13.67 -9.36 7.66
N LYS A 474 13.88 -9.00 6.40
CA LYS A 474 15.20 -8.56 5.96
C LYS A 474 15.09 -7.05 5.69
N VAL A 475 16.03 -6.27 6.21
CA VAL A 475 15.96 -4.84 5.97
C VAL A 475 17.10 -4.38 5.07
N LEU A 476 16.78 -4.04 3.83
CA LEU A 476 17.78 -3.55 2.88
C LEU A 476 17.77 -2.03 3.02
N LEU A 477 18.56 -1.53 3.96
CA LEU A 477 18.61 -0.09 4.22
C LEU A 477 19.53 0.65 3.26
N LEU A 478 18.95 1.57 2.47
CA LEU A 478 19.74 2.37 1.54
C LEU A 478 20.08 3.68 2.23
N ASN A 479 21.14 3.65 3.03
CA ASN A 479 21.58 4.81 3.80
C ASN A 479 22.30 5.86 2.96
N ASN A 480 21.77 7.08 2.92
CA ASN A 480 22.39 8.16 2.17
C ASN A 480 22.53 9.44 3.02
N GLN A 481 22.50 9.25 4.34
CA GLN A 481 22.65 10.35 5.30
C GLN A 481 21.74 11.55 5.12
N HIS A 482 20.80 11.49 4.19
CA HIS A 482 19.91 12.62 3.94
C HIS A 482 18.45 12.21 3.81
N LEU A 483 17.60 13.23 3.66
CA LEU A 483 16.17 13.03 3.42
C LEU A 483 16.10 13.23 1.92
N GLY A 484 16.59 12.21 1.20
CA GLY A 484 16.66 12.21 -0.25
C GLY A 484 15.68 12.98 -1.11
N MET A 485 14.42 12.56 -1.11
CA MET A 485 13.44 13.23 -1.96
C MET A 485 13.35 14.73 -1.74
N VAL A 486 13.41 15.15 -0.48
CA VAL A 486 13.35 16.58 -0.21
C VAL A 486 14.64 17.22 -0.73
N MET A 487 15.75 16.51 -0.55
CA MET A 487 17.06 16.98 -0.99
C MET A 487 17.10 17.18 -2.50
N GLN A 488 16.54 16.24 -3.26
CA GLN A 488 16.51 16.35 -4.71
C GLN A 488 15.77 17.61 -5.13
N TRP A 489 14.73 17.96 -4.39
CA TRP A 489 13.96 19.15 -4.72
C TRP A 489 14.76 20.41 -4.39
N GLU A 490 15.59 20.38 -3.35
CA GLU A 490 16.38 21.54 -3.01
C GLU A 490 17.35 21.78 -4.16
N ASP A 491 17.96 20.70 -4.65
CA ASP A 491 18.91 20.79 -5.76
C ASP A 491 18.31 21.40 -7.01
N ARG A 492 17.16 20.90 -7.44
CA ARG A 492 16.55 21.40 -8.67
C ARG A 492 15.75 22.70 -8.58
N PHE A 493 15.29 23.06 -7.38
CA PHE A 493 14.47 24.27 -7.27
C PHE A 493 14.94 25.32 -6.26
N TYR A 494 15.97 25.00 -5.50
CA TYR A 494 16.48 25.95 -4.49
C TYR A 494 18.01 26.07 -4.49
N LYS A 495 18.60 25.90 -5.67
CA LYS A 495 20.06 26.01 -5.83
C LYS A 495 20.81 25.19 -4.78
N ALA A 496 20.31 23.99 -4.50
CA ALA A 496 20.92 23.09 -3.54
C ALA A 496 21.15 23.67 -2.15
N ASN A 497 20.29 24.60 -1.74
CA ASN A 497 20.41 25.18 -0.40
C ASN A 497 19.80 24.22 0.63
N ARG A 498 20.65 23.43 1.27
CA ARG A 498 20.17 22.48 2.28
C ARG A 498 19.45 23.16 3.44
N ALA A 499 18.23 22.71 3.69
CA ALA A 499 17.43 23.23 4.78
C ALA A 499 16.95 22.06 5.65
N HIS A 500 17.78 21.70 6.62
CA HIS A 500 17.47 20.63 7.57
C HIS A 500 17.26 19.27 6.93
N THR A 501 17.92 19.00 5.81
CA THR A 501 17.77 17.71 5.16
C THR A 501 18.90 16.71 5.41
N PHE A 502 19.89 17.10 6.22
CA PHE A 502 21.01 16.23 6.55
C PHE A 502 20.76 15.49 7.88
N LEU A 503 20.76 14.15 7.82
CA LEU A 503 20.49 13.35 9.01
C LEU A 503 21.70 12.89 9.79
N GLY A 504 22.90 13.18 9.29
CA GLY A 504 24.10 12.76 10.00
C GLY A 504 24.51 13.73 11.08
N ASP A 505 25.68 13.52 11.67
CA ASP A 505 26.18 14.41 12.71
C ASP A 505 27.14 15.41 12.11
N PRO A 506 26.77 16.70 12.07
CA PRO A 506 27.63 17.74 11.51
C PRO A 506 29.02 17.82 12.15
N ALA A 507 29.15 17.31 13.36
CA ALA A 507 30.45 17.32 14.07
C ALA A 507 31.48 16.40 13.43
N GLN A 508 30.99 15.36 12.76
CA GLN A 508 31.84 14.38 12.09
C GLN A 508 31.18 14.04 10.76
N GLU A 509 31.03 15.07 9.94
CA GLU A 509 30.40 14.97 8.62
C GLU A 509 30.73 13.73 7.77
N ASP A 510 31.83 13.05 8.07
CA ASP A 510 32.20 11.88 7.30
C ASP A 510 31.84 10.54 7.94
N GLU A 511 31.41 10.59 9.19
CA GLU A 511 31.02 9.39 9.89
C GLU A 511 29.56 9.08 9.62
N ILE A 512 29.24 7.81 9.39
CA ILE A 512 27.86 7.43 9.15
C ILE A 512 27.10 7.48 10.48
N PHE A 513 26.12 8.38 10.54
CA PHE A 513 25.33 8.56 11.75
C PHE A 513 23.85 8.59 11.46
N PRO A 514 23.05 7.85 12.25
CA PRO A 514 23.54 7.02 13.34
C PRO A 514 24.08 5.71 12.79
N ASN A 515 24.57 4.86 13.69
CA ASN A 515 25.11 3.55 13.33
C ASN A 515 23.96 2.56 13.40
N MET A 516 23.21 2.44 12.32
CA MET A 516 22.06 1.56 12.30
C MET A 516 22.35 0.13 12.75
N LEU A 517 23.58 -0.31 12.59
CA LEU A 517 23.96 -1.66 13.00
C LEU A 517 23.76 -1.88 14.48
N LEU A 518 24.07 -0.85 15.27
CA LEU A 518 23.92 -0.96 16.71
C LEU A 518 22.46 -1.00 17.17
N PHE A 519 21.56 -0.45 16.36
CA PHE A 519 20.13 -0.49 16.68
C PHE A 519 19.74 -1.95 16.59
N ALA A 520 20.19 -2.57 15.50
CA ALA A 520 19.93 -3.97 15.26
C ALA A 520 20.50 -4.81 16.41
N ALA A 521 21.73 -4.48 16.81
CA ALA A 521 22.40 -5.20 17.89
C ALA A 521 21.58 -5.16 19.18
N ALA A 522 21.05 -3.98 19.50
CA ALA A 522 20.26 -3.80 20.71
C ALA A 522 19.08 -4.76 20.75
N CYS A 523 18.53 -5.07 19.60
CA CYS A 523 17.38 -5.98 19.53
C CYS A 523 17.80 -7.37 19.08
N GLY A 524 19.09 -7.67 19.22
CA GLY A 524 19.61 -8.98 18.86
C GLY A 524 19.36 -9.42 17.43
N ILE A 525 19.45 -8.50 16.50
CA ILE A 525 19.23 -8.82 15.10
C ILE A 525 20.53 -8.65 14.33
N PRO A 526 21.10 -9.76 13.84
CA PRO A 526 22.35 -9.74 13.09
C PRO A 526 22.30 -8.69 11.98
N ALA A 527 23.40 -7.95 11.83
CA ALA A 527 23.47 -6.89 10.83
C ALA A 527 24.86 -6.74 10.24
N ALA A 528 24.93 -6.11 9.07
CA ALA A 528 26.20 -5.89 8.37
C ALA A 528 26.14 -4.62 7.51
N ARG A 529 27.31 -4.11 7.14
CA ARG A 529 27.39 -2.92 6.30
C ARG A 529 28.21 -3.16 5.03
N VAL A 530 27.87 -2.46 3.95
CA VAL A 530 28.61 -2.56 2.69
C VAL A 530 28.82 -1.19 2.09
N THR A 531 30.04 -0.92 1.66
CA THR A 531 30.38 0.37 1.09
C THR A 531 30.93 0.24 -0.31
N LYS A 532 31.56 -0.90 -0.60
CA LYS A 532 32.12 -1.14 -1.92
C LYS A 532 31.14 -1.95 -2.76
N LYS A 533 30.84 -1.45 -3.96
CA LYS A 533 29.93 -2.11 -4.88
C LYS A 533 30.34 -3.55 -5.11
N ALA A 534 31.65 -3.76 -5.22
CA ALA A 534 32.23 -5.08 -5.45
C ALA A 534 31.64 -6.18 -4.56
N ASP A 535 31.70 -5.97 -3.26
CA ASP A 535 31.20 -6.95 -2.31
C ASP A 535 29.76 -6.71 -1.86
N LEU A 536 28.92 -6.27 -2.80
CA LEU A 536 27.51 -6.01 -2.51
C LEU A 536 26.67 -7.27 -2.71
N ARG A 537 26.89 -7.95 -3.83
CA ARG A 537 26.13 -9.17 -4.12
C ARG A 537 26.23 -10.20 -2.99
N GLU A 538 27.42 -10.38 -2.44
CA GLU A 538 27.60 -11.33 -1.36
C GLU A 538 26.88 -10.85 -0.11
N ALA A 539 26.94 -9.55 0.14
CA ALA A 539 26.28 -8.96 1.30
C ALA A 539 24.79 -9.26 1.24
N ILE A 540 24.17 -8.92 0.11
CA ILE A 540 22.75 -9.16 -0.05
C ILE A 540 22.47 -10.65 0.06
N GLN A 541 23.33 -11.46 -0.55
CA GLN A 541 23.16 -12.91 -0.50
C GLN A 541 23.22 -13.44 0.92
N THR A 542 24.09 -12.87 1.73
CA THR A 542 24.23 -13.29 3.11
C THR A 542 22.94 -13.00 3.85
N MET A 543 22.50 -11.75 3.74
CA MET A 543 21.28 -11.30 4.39
C MET A 543 20.18 -12.30 4.12
N LEU A 544 20.02 -12.68 2.85
CA LEU A 544 18.99 -13.63 2.47
C LEU A 544 19.18 -15.01 3.09
N ASP A 545 20.40 -15.55 3.02
CA ASP A 545 20.69 -16.88 3.56
C ASP A 545 20.63 -17.03 5.08
N THR A 546 21.02 -15.98 5.79
CA THR A 546 21.02 -16.02 7.26
C THR A 546 19.59 -16.14 7.77
N PRO A 547 19.27 -17.25 8.44
CA PRO A 547 17.91 -17.44 8.97
C PRO A 547 17.43 -16.29 9.84
N GLY A 548 16.15 -15.97 9.72
CA GLY A 548 15.56 -14.92 10.52
C GLY A 548 15.79 -13.47 10.12
N PRO A 549 15.69 -12.55 11.08
CA PRO A 549 15.89 -11.11 10.90
C PRO A 549 17.29 -10.79 10.43
N TYR A 550 17.42 -9.72 9.64
CA TYR A 550 18.73 -9.28 9.15
C TYR A 550 18.69 -7.85 8.61
N LEU A 551 19.68 -7.06 9.02
CA LEU A 551 19.78 -5.67 8.57
C LEU A 551 21.06 -5.44 7.77
N LEU A 552 20.89 -5.02 6.53
CA LEU A 552 22.04 -4.73 5.67
C LEU A 552 22.09 -3.24 5.39
N ASP A 553 23.05 -2.57 6.03
CA ASP A 553 23.21 -1.14 5.87
C ASP A 553 24.03 -0.90 4.60
N VAL A 554 23.35 -0.49 3.53
CA VAL A 554 23.98 -0.21 2.23
C VAL A 554 24.24 1.29 2.12
N ILE A 555 25.49 1.66 1.92
CA ILE A 555 25.83 3.07 1.82
C ILE A 555 25.82 3.52 0.36
N CYS A 556 25.19 4.65 0.09
CA CYS A 556 25.11 5.18 -1.27
C CYS A 556 25.48 6.64 -1.29
N PRO A 557 25.95 7.15 -2.44
CA PRO A 557 26.31 8.57 -2.50
C PRO A 557 24.98 9.31 -2.50
N HIS A 558 24.89 10.41 -1.77
CA HIS A 558 23.63 11.12 -1.71
C HIS A 558 23.24 11.98 -2.90
N GLN A 559 24.20 12.39 -3.72
CA GLN A 559 23.90 13.23 -4.86
C GLN A 559 23.08 12.57 -5.95
N GLU A 560 22.61 11.34 -5.71
CA GLU A 560 21.80 10.63 -6.69
C GLU A 560 20.45 11.31 -6.85
N HIS A 561 19.86 11.22 -8.04
CA HIS A 561 18.55 11.79 -8.32
C HIS A 561 17.66 10.78 -9.02
N VAL A 562 16.38 10.81 -8.69
CA VAL A 562 15.42 9.90 -9.32
C VAL A 562 15.09 10.50 -10.69
N LEU A 563 15.09 9.65 -11.72
CA LEU A 563 14.78 10.09 -13.07
C LEU A 563 14.05 9.01 -13.86
N PRO A 564 13.26 9.40 -14.87
CA PRO A 564 13.05 10.80 -15.27
C PRO A 564 12.20 11.52 -14.25
N MET A 565 11.79 12.75 -14.58
CA MET A 565 10.98 13.51 -13.64
C MET A 565 10.15 14.63 -14.25
N ILE A 566 8.84 14.54 -14.13
CA ILE A 566 7.98 15.58 -14.65
C ILE A 566 7.57 16.43 -13.45
N PRO A 567 8.11 17.65 -13.34
CA PRO A 567 7.77 18.52 -12.21
C PRO A 567 6.28 18.64 -11.99
N SER A 568 5.91 18.88 -10.74
CA SER A 568 4.53 18.99 -10.31
C SER A 568 3.65 19.90 -11.17
N GLY A 569 2.61 19.31 -11.76
CA GLY A 569 1.70 20.07 -12.61
C GLY A 569 2.21 20.30 -14.02
N GLY A 570 3.17 19.51 -14.44
CA GLY A 570 3.74 19.66 -15.77
C GLY A 570 3.14 18.88 -16.91
N THR A 571 3.92 18.75 -17.98
CA THR A 571 3.54 18.02 -19.18
C THR A 571 4.67 17.09 -19.60
N PHE A 572 4.38 16.21 -20.54
CA PHE A 572 5.39 15.28 -21.04
C PHE A 572 6.55 16.04 -21.66
N ASN A 573 6.29 17.27 -22.11
CA ASN A 573 7.32 18.10 -22.73
C ASN A 573 8.23 18.72 -21.67
N ASP A 574 7.89 18.53 -20.40
CA ASP A 574 8.67 19.09 -19.32
C ASP A 574 9.53 18.05 -18.62
N VAL A 575 9.37 16.80 -19.01
CA VAL A 575 10.11 15.71 -18.41
C VAL A 575 11.61 15.95 -18.40
N ILE A 576 12.19 15.83 -17.21
CA ILE A 576 13.61 15.99 -16.98
C ILE A 576 14.19 14.59 -17.12
N THR A 577 15.22 14.42 -17.94
CA THR A 577 15.79 13.11 -18.16
C THR A 577 17.19 12.92 -17.62
N GLU A 578 17.84 14.00 -17.19
CA GLU A 578 19.20 13.87 -16.67
C GLU A 578 19.61 14.91 -15.65
N GLY A 579 20.68 14.60 -14.94
CA GLY A 579 21.20 15.49 -13.92
C GLY A 579 21.06 14.92 -12.53
N ASP A 580 21.98 15.29 -11.65
CA ASP A 580 21.97 14.85 -10.26
C ASP A 580 22.58 15.95 -9.40
N GLY A 581 22.51 15.80 -8.09
CA GLY A 581 23.05 16.82 -7.21
C GLY A 581 24.56 16.90 -7.22
N ARG A 582 25.19 16.01 -8.00
CA ARG A 582 26.65 15.95 -8.10
C ARG A 582 27.23 17.32 -8.43
#